data_2W9D
#
_entry.id   2W9D
#
_cell.length_a   36.784
_cell.length_b   84.710
_cell.length_c   127.852
_cell.angle_alpha   90.00
_cell.angle_beta   90.00
_cell.angle_gamma   90.00
#
_symmetry.space_group_name_H-M   'P 21 21 21'
#
loop_
_entity.id
_entity.type
_entity.pdbx_description
1 polymer 'ICSM 18-ANTI-PRP THERAPEUTIC FAB HEAVY CHAIN'
2 polymer 'ICSM 18-ANTI-PRP THERAPEUTIC FAB LIGHT CHAIN'
3 non-polymer 'CALCIUM ION'
4 water water
#
loop_
_entity_poly.entity_id
_entity_poly.type
_entity_poly.pdbx_seq_one_letter_code
_entity_poly.pdbx_strand_id
1 'polypeptide(L)'
;EVQLQQSGPELVKPGSSVKISCKASRNTFTDYNLDWVKQSHGKTLEWIGNVYPNNGVTGYNQKFRGKATLTVDKSSSTAY
MELHSLTSEDSAVYYCALYYYDVSYWGQGTLVTVSSAKTTPPSVYPLAPGSAAQTSMVTLGCLVKGYFPEPVTVTWNSGS
LSSGVHTFPAVLQSDLYTLSSSVTVPSSTWPSQSVTCNVAHPASSTKVDKKITPR
;
H
2 'polypeptide(L)'
;(PCA)IVLTQSPAIMSASPGEKVTMTCSASSSVSYMHWYQQKSGTSPKRWIYDTSKLASGVPARFSGSGSGTSYSLTISS
MEAEDAATYFCHQWRSNPYTFGGGTKLEIKRADAAPTVSIFPPSSEQLTSGGASVVCFLNNFYPKDINVKWKIDGSERQN
GVLNSWTDQDSKDSTYSMSSTLTLTKDEYERHNSYTCEATHKTSTSPIVKSFNRNE
;
L
#
# COMPACT_ATOMS: atom_id res chain seq x y z
N GLU A 1 4.37 23.39 2.92
CA GLU A 1 5.50 24.35 2.72
C GLU A 1 6.85 23.66 2.93
N VAL A 2 6.83 22.60 3.74
CA VAL A 2 8.02 21.76 4.02
C VAL A 2 7.75 20.32 3.59
N GLN A 3 8.76 19.70 2.97
CA GLN A 3 8.67 18.30 2.56
C GLN A 3 9.89 17.58 3.12
N LEU A 4 9.68 16.32 3.52
CA LEU A 4 10.74 15.46 4.05
CA LEU A 4 10.74 15.47 4.04
C LEU A 4 11.09 14.42 3.01
N GLN A 5 12.36 14.35 2.64
CA GLN A 5 12.84 13.36 1.69
C GLN A 5 13.64 12.32 2.44
N GLN A 6 13.13 11.09 2.44
CA GLN A 6 13.82 9.98 3.06
C GLN A 6 14.68 9.29 2.03
N SER A 7 15.73 8.63 2.50
CA SER A 7 16.57 7.83 1.62
C SER A 7 15.79 6.64 1.04
N GLY A 8 16.38 6.01 0.03
CA GLY A 8 15.70 4.99 -0.74
C GLY A 8 15.59 3.64 -0.04
N PRO A 9 14.82 2.72 -0.64
CA PRO A 9 14.67 1.41 -0.02
C PRO A 9 16.00 0.66 0.09
N GLU A 10 16.09 -0.23 1.09
CA GLU A 10 17.34 -0.91 1.43
C GLU A 10 17.12 -2.42 1.47
N LEU A 11 18.06 -3.16 0.89
CA LEU A 11 18.17 -4.59 1.07
C LEU A 11 19.44 -4.83 1.86
N VAL A 12 19.29 -5.45 3.04
CA VAL A 12 20.34 -5.63 4.05
CA VAL A 12 20.45 -5.68 3.90
C VAL A 12 20.47 -7.11 4.41
N LYS A 13 21.68 -7.62 4.59
CA LYS A 13 21.87 -9.00 5.03
C LYS A 13 21.59 -9.12 6.53
N PRO A 14 21.03 -10.26 6.97
CA PRO A 14 20.91 -10.52 8.40
C PRO A 14 22.24 -10.31 9.11
N GLY A 15 22.20 -9.62 10.24
CA GLY A 15 23.40 -9.36 11.05
C GLY A 15 24.08 -8.04 10.75
N SER A 16 23.76 -7.45 9.59
CA SER A 16 24.39 -6.19 9.19
CA SER A 16 24.37 -6.18 9.17
C SER A 16 23.61 -5.03 9.79
N SER A 17 24.07 -3.82 9.51
CA SER A 17 23.39 -2.60 9.94
CA SER A 17 23.39 -2.60 9.93
C SER A 17 23.07 -1.74 8.71
N VAL A 18 22.16 -0.80 8.89
CA VAL A 18 21.83 0.13 7.82
C VAL A 18 21.52 1.48 8.45
N LYS A 19 21.90 2.55 7.76
CA LYS A 19 21.62 3.89 8.25
C LYS A 19 20.75 4.59 7.23
N ILE A 20 19.57 5.02 7.66
CA ILE A 20 18.61 5.69 6.78
C ILE A 20 18.50 7.16 7.18
N SER A 21 18.16 8.02 6.22
CA SER A 21 18.21 9.46 6.44
C SER A 21 16.88 10.12 6.12
N CYS A 22 16.71 11.31 6.70
CA CYS A 22 15.48 12.10 6.57
CA CYS A 22 15.51 12.10 6.49
C CYS A 22 15.90 13.57 6.56
N LYS A 23 15.69 14.26 5.44
CA LYS A 23 16.02 15.68 5.38
C LYS A 23 14.81 16.52 5.04
N ALA A 24 14.61 17.57 5.82
CA ALA A 24 13.53 18.52 5.62
C ALA A 24 13.97 19.60 4.64
N SER A 25 13.05 20.04 3.78
CA SER A 25 13.33 21.12 2.85
C SER A 25 13.40 22.46 3.61
N ARG A 26 13.81 23.51 2.92
CA ARG A 26 14.12 24.80 3.54
C ARG A 26 13.00 25.29 4.47
N ASN A 27 13.41 25.70 5.67
CA ASN A 27 12.48 26.21 6.68
C ASN A 27 13.23 27.05 7.71
N THR A 28 12.46 27.81 8.49
CA THR A 28 13.01 28.61 9.58
C THR A 28 12.46 28.15 10.94
N PHE A 29 12.03 26.89 11.02
CA PHE A 29 11.53 26.34 12.26
C PHE A 29 12.61 26.37 13.33
N THR A 30 12.22 26.71 14.55
CA THR A 30 13.14 26.69 15.69
C THR A 30 12.99 25.35 16.45
N ASP A 31 12.06 25.29 17.40
CA ASP A 31 11.98 24.11 18.27
CA ASP A 31 11.92 24.14 18.30
C ASP A 31 11.02 23.05 17.68
N TYR A 32 11.47 22.44 16.59
CA TYR A 32 10.73 21.35 15.98
C TYR A 32 11.35 20.02 16.37
N ASN A 33 10.58 18.95 16.24
CA ASN A 33 11.10 17.61 16.48
C ASN A 33 10.84 16.70 15.30
N LEU A 34 11.68 15.68 15.17
CA LEU A 34 11.51 14.67 14.13
C LEU A 34 11.35 13.32 14.83
N ASP A 35 10.25 12.64 14.54
CA ASP A 35 9.94 11.33 15.12
C ASP A 35 10.19 10.25 14.08
N TRP A 36 10.65 9.09 14.54
CA TRP A 36 10.78 7.91 13.68
C TRP A 36 9.76 6.86 14.07
N VAL A 37 9.09 6.29 13.07
CA VAL A 37 7.99 5.36 13.27
C VAL A 37 8.17 4.15 12.35
N LYS A 38 8.00 2.95 12.92
CA LYS A 38 8.08 1.69 12.16
C LYS A 38 6.67 1.21 11.84
N GLN A 39 6.41 0.88 10.58
CA GLN A 39 5.15 0.22 10.23
C GLN A 39 5.46 -1.16 9.68
N SER A 40 4.98 -2.17 10.40
CA SER A 40 5.19 -3.56 10.04
C SER A 40 3.98 -4.03 9.24
N HIS A 41 4.23 -4.83 8.20
CA HIS A 41 3.17 -5.52 7.45
C HIS A 41 2.06 -4.60 6.93
N GLY A 42 2.41 -3.35 6.62
CA GLY A 42 1.43 -2.36 6.18
C GLY A 42 0.34 -2.03 7.19
N LYS A 43 0.58 -2.32 8.47
CA LYS A 43 -0.46 -2.17 9.49
C LYS A 43 0.01 -1.45 10.76
N THR A 44 0.52 -2.17 11.76
CA THR A 44 0.72 -1.58 13.07
C THR A 44 1.88 -0.60 13.07
N LEU A 45 1.71 0.49 13.83
CA LEU A 45 2.69 1.55 13.93
C LEU A 45 3.35 1.52 15.30
N GLU A 46 4.67 1.69 15.31
CA GLU A 46 5.45 1.78 16.55
C GLU A 46 6.35 3.01 16.53
N TRP A 47 6.33 3.76 17.62
CA TRP A 47 7.17 4.93 17.77
C TRP A 47 8.54 4.47 18.26
N ILE A 48 9.57 4.77 17.48
CA ILE A 48 10.94 4.33 17.78
C ILE A 48 11.67 5.30 18.69
N GLY A 49 11.50 6.59 18.40
CA GLY A 49 12.16 7.64 19.16
C GLY A 49 12.02 8.96 18.43
N ASN A 50 12.64 10.01 18.98
CA ASN A 50 12.68 11.28 18.25
C ASN A 50 13.88 12.13 18.58
N VAL A 51 14.06 13.18 17.78
CA VAL A 51 15.14 14.13 17.96
C VAL A 51 14.65 15.56 17.78
N TYR A 52 15.39 16.48 18.40
CA TYR A 52 15.15 17.91 18.30
C TYR A 52 16.42 18.49 17.69
N PRO A 53 16.51 18.60 16.23
CA PRO A 53 17.70 19.01 15.50
C PRO A 53 18.25 20.37 15.95
N ASN A 54 17.38 21.32 16.31
CA ASN A 54 17.85 22.62 16.82
C ASN A 54 18.12 22.53 18.29
N ASN A 55 18.92 21.51 18.59
CA ASN A 55 19.31 21.12 19.92
C ASN A 55 18.21 21.00 20.95
N GLY A 56 17.91 19.73 21.17
CA GLY A 56 17.06 19.23 22.22
C GLY A 56 17.66 17.84 22.44
N VAL A 57 17.06 17.09 23.34
CA VAL A 57 17.63 15.80 23.68
C VAL A 57 17.02 14.80 22.71
N THR A 58 17.30 13.60 22.83
CA THR A 58 16.72 12.53 22.04
C THR A 58 15.76 11.71 22.89
N GLY A 59 14.57 11.44 22.35
CA GLY A 59 13.64 10.49 22.97
C GLY A 59 13.91 9.11 22.41
N TYR A 60 13.89 8.09 23.26
CA TYR A 60 13.99 6.71 22.79
C TYR A 60 12.86 5.87 23.37
N ASN A 61 12.51 4.81 22.62
CA ASN A 61 11.61 3.78 23.08
C ASN A 61 12.46 2.60 23.51
N GLN A 62 12.34 2.22 24.78
CA GLN A 62 13.18 1.16 25.33
CA GLN A 62 13.14 1.14 25.37
C GLN A 62 13.04 -0.18 24.60
N LYS A 63 11.92 -0.39 23.90
CA LYS A 63 11.76 -1.61 23.12
C LYS A 63 12.82 -1.75 22.02
N PHE A 64 13.38 -0.62 21.58
CA PHE A 64 14.35 -0.57 20.49
C PHE A 64 15.78 -0.31 20.97
N ARG A 65 16.03 -0.47 22.27
CA ARG A 65 17.36 -0.25 22.80
C ARG A 65 18.33 -1.24 22.16
N GLY A 66 19.45 -0.72 21.67
CA GLY A 66 20.44 -1.52 20.97
C GLY A 66 20.05 -1.89 19.55
N LYS A 67 18.86 -1.48 19.11
CA LYS A 67 18.36 -1.75 17.77
C LYS A 67 18.42 -0.50 16.91
N ALA A 68 18.02 0.64 17.47
CA ALA A 68 18.00 1.90 16.75
C ALA A 68 18.84 2.96 17.45
N THR A 69 19.64 3.68 16.67
CA THR A 69 20.40 4.84 17.16
C THR A 69 20.03 6.05 16.30
N LEU A 70 19.52 7.10 16.94
CA LEU A 70 19.09 8.32 16.26
C LEU A 70 20.13 9.43 16.42
N THR A 71 20.47 10.06 15.31
CA THR A 71 21.40 11.19 15.30
C THR A 71 20.90 12.30 14.37
N VAL A 72 21.52 13.47 14.46
CA VAL A 72 21.25 14.57 13.54
C VAL A 72 22.57 15.20 13.15
N ASP A 73 22.72 15.53 11.86
CA ASP A 73 23.88 16.29 11.41
C ASP A 73 23.58 17.77 11.63
N LYS A 74 24.39 18.43 12.46
CA LYS A 74 24.19 19.86 12.76
C LYS A 74 24.22 20.72 11.50
N SER A 75 25.18 20.47 10.63
CA SER A 75 25.37 21.24 9.40
C SER A 75 24.10 21.34 8.56
N SER A 76 23.55 20.18 8.20
CA SER A 76 22.41 20.11 7.27
C SER A 76 21.06 19.94 7.97
N SER A 77 21.09 19.65 9.28
CA SER A 77 19.90 19.24 10.04
C SER A 77 19.28 17.94 9.51
N THR A 78 20.04 17.17 8.73
CA THR A 78 19.55 15.87 8.26
C THR A 78 19.50 14.92 9.44
N ALA A 79 18.38 14.21 9.58
CA ALA A 79 18.22 13.25 10.66
C ALA A 79 18.59 11.85 10.16
N TYR A 80 19.20 11.06 11.03
CA TYR A 80 19.62 9.70 10.68
C TYR A 80 19.13 8.69 11.71
N MET A 81 18.73 7.51 11.24
CA MET A 81 18.48 6.38 12.14
C MET A 81 19.30 5.19 11.66
N GLU A 82 20.16 4.69 12.53
CA GLU A 82 20.92 3.48 12.25
C GLU A 82 20.23 2.30 12.92
N LEU A 83 19.98 1.26 12.15
CA LEU A 83 19.37 0.04 12.66
C LEU A 83 20.47 -1.01 12.71
N HIS A 84 20.61 -1.67 13.86
CA HIS A 84 21.75 -2.55 14.15
C HIS A 84 21.38 -4.03 14.15
N SER A 85 22.35 -4.87 13.82
CA SER A 85 22.21 -6.33 13.94
CA SER A 85 22.21 -6.32 13.96
C SER A 85 20.86 -6.81 13.40
N LEU A 86 20.61 -6.52 12.14
CA LEU A 86 19.29 -6.72 11.56
C LEU A 86 18.86 -8.18 11.49
N THR A 87 17.56 -8.39 11.69
CA THR A 87 16.93 -9.69 11.46
C THR A 87 15.65 -9.45 10.65
N SER A 88 15.00 -10.53 10.24
CA SER A 88 13.75 -10.42 9.47
C SER A 88 12.66 -9.61 10.19
N GLU A 89 12.70 -9.62 11.52
CA GLU A 89 11.76 -8.84 12.33
C GLU A 89 11.89 -7.34 12.09
N ASP A 90 13.02 -6.91 11.55
CA ASP A 90 13.28 -5.49 11.28
C ASP A 90 12.85 -5.06 9.88
N SER A 91 12.40 -6.01 9.06
CA SER A 91 11.87 -5.67 7.74
C SER A 91 10.57 -4.92 7.94
N ALA A 92 10.51 -3.70 7.41
CA ALA A 92 9.37 -2.81 7.65
C ALA A 92 9.55 -1.54 6.84
N VAL A 93 8.53 -0.70 6.85
CA VAL A 93 8.66 0.67 6.37
C VAL A 93 8.94 1.55 7.57
N TYR A 94 9.95 2.40 7.44
CA TYR A 94 10.31 3.32 8.51
C TYR A 94 10.03 4.74 8.02
N TYR A 95 9.21 5.46 8.78
CA TYR A 95 8.85 6.84 8.48
C TYR A 95 9.54 7.82 9.40
N CYS A 96 9.85 9.00 8.87
CA CYS A 96 10.27 10.14 9.66
CA CYS A 96 10.25 10.15 9.68
C CYS A 96 9.10 11.15 9.60
N ALA A 97 8.83 11.81 10.72
CA ALA A 97 7.72 12.77 10.76
C ALA A 97 8.18 14.00 11.51
N LEU A 98 7.98 15.17 10.90
CA LEU A 98 8.34 16.45 11.49
CA LEU A 98 8.34 16.45 11.51
C LEU A 98 7.12 17.06 12.18
N TYR A 99 7.30 17.54 13.41
CA TYR A 99 6.26 18.22 14.16
C TYR A 99 6.71 19.60 14.60
N TYR A 100 5.83 20.57 14.40
CA TYR A 100 6.08 21.94 14.82
C TYR A 100 4.74 22.52 15.23
N TYR A 101 4.42 22.39 16.51
CA TYR A 101 3.16 22.91 17.06
C TYR A 101 1.96 22.40 16.27
N ASP A 102 1.27 23.26 15.54
CA ASP A 102 0.04 22.86 14.85
C ASP A 102 0.24 22.42 13.39
N VAL A 103 1.48 22.12 12.99
CA VAL A 103 1.74 21.52 11.69
C VAL A 103 2.60 20.27 11.83
N SER A 104 2.46 19.37 10.87
CA SER A 104 3.12 18.05 10.87
C SER A 104 3.35 17.66 9.42
N TYR A 105 4.50 17.05 9.13
CA TYR A 105 4.83 16.60 7.77
C TYR A 105 5.55 15.27 7.85
N TRP A 106 5.03 14.27 7.14
CA TRP A 106 5.64 12.93 7.14
C TRP A 106 6.41 12.69 5.86
N GLY A 107 7.53 11.97 5.98
CA GLY A 107 8.27 11.51 4.82
C GLY A 107 7.52 10.40 4.12
N GLN A 108 8.05 9.95 2.99
CA GLN A 108 7.39 8.96 2.16
C GLN A 108 7.63 7.52 2.63
N GLY A 109 8.50 7.36 3.63
CA GLY A 109 8.84 6.05 4.16
C GLY A 109 10.03 5.44 3.42
N THR A 110 10.79 4.63 4.14
CA THR A 110 11.90 3.85 3.59
C THR A 110 11.64 2.38 3.90
N LEU A 111 11.49 1.58 2.86
CA LEU A 111 11.30 0.14 3.04
CA LEU A 111 11.29 0.14 3.04
C LEU A 111 12.65 -0.53 3.25
N VAL A 112 12.80 -1.22 4.37
CA VAL A 112 14.00 -1.99 4.66
C VAL A 112 13.63 -3.46 4.56
N THR A 113 14.36 -4.23 3.75
CA THR A 113 14.17 -5.68 3.62
C THR A 113 15.44 -6.33 4.13
N VAL A 114 15.30 -7.21 5.13
CA VAL A 114 16.43 -7.96 5.67
C VAL A 114 16.36 -9.39 5.11
N SER A 115 17.36 -9.76 4.32
CA SER A 115 17.32 -11.03 3.61
C SER A 115 18.69 -11.35 3.06
N SER A 116 18.98 -12.64 2.92
CA SER A 116 20.23 -13.12 2.33
CA SER A 116 20.24 -13.08 2.32
C SER A 116 20.11 -13.22 0.81
N ALA A 117 18.89 -13.04 0.30
CA ALA A 117 18.62 -13.13 -1.13
C ALA A 117 19.18 -11.94 -1.88
N LYS A 118 19.57 -12.16 -3.13
CA LYS A 118 20.15 -11.10 -3.94
C LYS A 118 19.10 -10.37 -4.74
N THR A 119 19.49 -9.23 -5.27
CA THR A 119 18.60 -8.41 -6.09
C THR A 119 18.34 -9.10 -7.42
N THR A 120 17.07 -9.16 -7.81
CA THR A 120 16.65 -9.70 -9.09
C THR A 120 15.66 -8.69 -9.70
N PRO A 121 15.97 -8.16 -10.90
CA PRO A 121 15.01 -7.23 -11.51
C PRO A 121 13.81 -7.99 -12.06
N PRO A 122 12.65 -7.32 -12.17
CA PRO A 122 11.46 -8.00 -12.70
C PRO A 122 11.58 -8.31 -14.19
N SER A 123 10.91 -9.37 -14.60
CA SER A 123 10.63 -9.57 -16.02
C SER A 123 9.28 -8.91 -16.25
N VAL A 124 9.23 -7.97 -17.20
CA VAL A 124 8.01 -7.20 -17.44
C VAL A 124 7.38 -7.65 -18.75
N TYR A 125 6.15 -8.15 -18.67
CA TYR A 125 5.47 -8.71 -19.85
C TYR A 125 4.21 -7.92 -20.16
N PRO A 126 4.05 -7.49 -21.44
CA PRO A 126 2.84 -6.79 -21.81
C PRO A 126 1.68 -7.76 -21.94
N LEU A 127 0.50 -7.36 -21.47
CA LEU A 127 -0.70 -8.18 -21.57
C LEU A 127 -1.67 -7.49 -22.53
N ALA A 128 -1.74 -8.01 -23.75
CA ALA A 128 -2.71 -7.57 -24.74
C ALA A 128 -3.83 -8.61 -24.82
N PRO A 129 -5.05 -8.19 -25.20
CA PRO A 129 -6.17 -9.13 -25.35
C PRO A 129 -5.86 -10.29 -26.31
N GLY A 130 -6.53 -11.41 -26.13
CA GLY A 130 -6.31 -12.61 -26.95
C GLY A 130 -6.94 -12.54 -28.34
N SER A 131 -7.91 -13.42 -28.59
CA SER A 131 -8.59 -13.46 -29.88
C SER A 131 -9.44 -12.21 -30.10
N ALA A 132 -10.21 -11.83 -29.08
CA ALA A 132 -11.07 -10.63 -29.16
C ALA A 132 -11.99 -10.48 -27.94
N ALA A 133 -12.95 -9.57 -28.06
CA ALA A 133 -13.95 -9.33 -27.02
C ALA A 133 -14.93 -8.25 -27.47
N GLN A 134 -14.40 -7.05 -27.69
CA GLN A 134 -15.15 -5.89 -28.20
C GLN A 134 -16.21 -5.32 -27.24
N THR A 135 -15.85 -4.22 -26.60
CA THR A 135 -16.81 -3.32 -25.94
C THR A 135 -16.37 -1.88 -26.24
N SER A 136 -16.95 -0.93 -25.52
CA SER A 136 -16.55 0.47 -25.63
C SER A 136 -15.18 0.72 -25.01
N MET A 137 -14.81 -0.10 -24.03
CA MET A 137 -13.52 -0.01 -23.35
C MET A 137 -12.70 -1.27 -23.62
N VAL A 138 -11.39 -1.13 -23.49
CA VAL A 138 -10.48 -2.28 -23.59
C VAL A 138 -9.55 -2.25 -22.40
N THR A 139 -9.28 -3.41 -21.83
CA THR A 139 -8.39 -3.50 -20.69
C THR A 139 -7.07 -4.15 -21.12
N LEU A 140 -5.98 -3.50 -20.73
CA LEU A 140 -4.64 -3.95 -21.04
C LEU A 140 -3.92 -4.16 -19.73
N GLY A 141 -2.79 -4.82 -19.77
CA GLY A 141 -2.09 -5.10 -18.54
C GLY A 141 -0.60 -5.21 -18.68
N CYS A 142 0.04 -5.30 -17.53
CA CYS A 142 1.46 -5.55 -17.47
CA CYS A 142 1.47 -5.40 -17.41
C CYS A 142 1.72 -6.44 -16.29
N LEU A 143 2.47 -7.50 -16.57
CA LEU A 143 2.81 -8.51 -15.56
C LEU A 143 4.27 -8.28 -15.19
N VAL A 144 4.51 -8.12 -13.89
CA VAL A 144 5.82 -7.71 -13.38
C VAL A 144 6.25 -8.86 -12.48
N LYS A 145 7.03 -9.77 -13.05
CA LYS A 145 7.23 -11.09 -12.46
C LYS A 145 8.66 -11.37 -12.00
N GLY A 146 8.77 -11.97 -10.82
CA GLY A 146 10.01 -12.57 -10.37
C GLY A 146 11.10 -11.60 -9.94
N TYR A 147 10.73 -10.61 -9.14
CA TYR A 147 11.69 -9.62 -8.65
C TYR A 147 11.92 -9.69 -7.16
N PHE A 148 13.04 -9.12 -6.75
CA PHE A 148 13.36 -9.02 -5.34
C PHE A 148 14.43 -7.96 -5.20
N PRO A 149 14.34 -7.11 -4.15
CA PRO A 149 13.28 -6.98 -3.15
C PRO A 149 12.19 -6.05 -3.66
N GLU A 150 11.17 -5.84 -2.84
CA GLU A 150 10.26 -4.70 -3.03
C GLU A 150 11.04 -3.41 -2.77
N PRO A 151 10.55 -2.27 -3.26
CA PRO A 151 9.36 -2.06 -4.08
C PRO A 151 9.61 -2.00 -5.58
N VAL A 152 8.51 -2.09 -6.32
CA VAL A 152 8.46 -1.58 -7.68
C VAL A 152 7.34 -0.54 -7.76
N THR A 153 7.48 0.39 -8.69
CA THR A 153 6.40 1.32 -8.98
C THR A 153 6.05 1.23 -10.46
N VAL A 154 4.75 1.28 -10.74
CA VAL A 154 4.25 1.15 -12.09
C VAL A 154 3.50 2.42 -12.44
N THR A 155 3.77 2.93 -13.64
CA THR A 155 2.94 3.96 -14.25
C THR A 155 2.57 3.55 -15.66
N TRP A 156 1.60 4.25 -16.23
CA TRP A 156 1.16 4.02 -17.61
C TRP A 156 1.29 5.32 -18.39
N ASN A 157 1.83 5.24 -19.60
CA ASN A 157 2.17 6.43 -20.38
C ASN A 157 2.81 7.54 -19.56
N SER A 158 3.77 7.15 -18.72
CA SER A 158 4.55 8.06 -17.91
C SER A 158 3.70 9.00 -17.05
N GLY A 159 2.56 8.49 -16.60
CA GLY A 159 1.62 9.25 -15.76
C GLY A 159 0.42 9.84 -16.46
N SER A 160 0.42 9.83 -17.80
CA SER A 160 -0.69 10.42 -18.55
C SER A 160 -1.97 9.58 -18.52
N LEU A 161 -1.85 8.29 -18.16
CA LEU A 161 -2.99 7.44 -17.85
C LEU A 161 -2.96 7.08 -16.37
N SER A 162 -4.06 7.33 -15.66
CA SER A 162 -4.09 7.14 -14.21
C SER A 162 -5.47 6.72 -13.68
N SER A 163 -6.53 7.39 -14.13
CA SER A 163 -7.85 7.12 -13.60
C SER A 163 -8.31 5.68 -13.86
N GLY A 164 -7.89 5.09 -14.97
CA GLY A 164 -8.32 3.74 -15.33
C GLY A 164 -7.36 2.64 -14.89
N VAL A 165 -6.41 2.98 -14.03
CA VAL A 165 -5.33 2.07 -13.65
C VAL A 165 -5.62 1.38 -12.32
N HIS A 166 -5.33 0.09 -12.26
CA HIS A 166 -5.32 -0.68 -11.02
C HIS A 166 -3.98 -1.41 -10.95
N THR A 167 -3.15 -1.04 -9.99
CA THR A 167 -1.90 -1.74 -9.74
C THR A 167 -2.07 -2.49 -8.44
N PHE A 168 -1.85 -3.79 -8.49
CA PHE A 168 -2.18 -4.69 -7.40
C PHE A 168 -1.00 -4.88 -6.47
N PRO A 169 -1.26 -5.12 -5.18
CA PRO A 169 -0.19 -5.41 -4.23
C PRO A 169 0.63 -6.60 -4.68
N ALA A 170 1.94 -6.51 -4.52
CA ALA A 170 2.83 -7.62 -4.82
C ALA A 170 2.56 -8.79 -3.86
N VAL A 171 2.79 -9.99 -4.37
CA VAL A 171 2.67 -11.21 -3.57
CA VAL A 171 2.67 -11.21 -3.58
C VAL A 171 3.99 -11.96 -3.67
N LEU A 172 4.42 -12.47 -2.53
CA LEU A 172 5.68 -13.19 -2.42
C LEU A 172 5.42 -14.67 -2.55
N GLN A 173 6.11 -15.29 -3.51
CA GLN A 173 6.04 -16.74 -3.69
CA GLN A 173 6.04 -16.74 -3.69
C GLN A 173 7.44 -17.26 -3.99
N SER A 174 7.89 -18.19 -3.17
CA SER A 174 9.19 -18.82 -3.34
C SER A 174 10.30 -17.79 -3.52
N ASP A 175 10.32 -16.81 -2.61
CA ASP A 175 11.41 -15.83 -2.50
C ASP A 175 11.51 -14.83 -3.64
N LEU A 176 10.47 -14.74 -4.47
CA LEU A 176 10.37 -13.66 -5.47
C LEU A 176 8.97 -13.06 -5.45
N TYR A 177 8.89 -11.76 -5.76
CA TYR A 177 7.62 -11.07 -5.83
C TYR A 177 7.07 -11.05 -7.25
N THR A 178 5.76 -11.02 -7.36
CA THR A 178 5.09 -10.76 -8.63
C THR A 178 3.96 -9.77 -8.38
N LEU A 179 3.79 -8.84 -9.30
CA LEU A 179 2.59 -8.01 -9.29
C LEU A 179 2.11 -7.80 -10.71
N SER A 180 0.89 -7.30 -10.80
CA SER A 180 0.30 -6.96 -12.08
C SER A 180 -0.34 -5.59 -11.99
N SER A 181 -0.50 -4.97 -13.14
CA SER A 181 -1.20 -3.71 -13.23
C SER A 181 -2.10 -3.77 -14.45
N SER A 182 -3.31 -3.22 -14.32
CA SER A 182 -4.21 -3.14 -15.45
C SER A 182 -4.58 -1.69 -15.73
N VAL A 183 -4.86 -1.41 -17.00
CA VAL A 183 -5.35 -0.09 -17.39
C VAL A 183 -6.50 -0.29 -18.36
N THR A 184 -7.55 0.49 -18.18
CA THR A 184 -8.71 0.41 -19.04
C THR A 184 -8.84 1.74 -19.78
N VAL A 185 -8.96 1.65 -21.11
CA VAL A 185 -8.98 2.81 -21.99
C VAL A 185 -10.06 2.63 -23.05
N PRO A 186 -10.55 3.73 -23.65
CA PRO A 186 -11.52 3.57 -24.74
C PRO A 186 -10.93 2.78 -25.91
N SER A 187 -11.74 1.91 -26.50
CA SER A 187 -11.33 1.10 -27.65
C SER A 187 -10.86 1.96 -28.83
N SER A 188 -11.36 3.19 -28.92
CA SER A 188 -10.92 4.11 -29.96
C SER A 188 -9.54 4.73 -29.72
N THR A 189 -8.96 4.55 -28.52
CA THR A 189 -7.63 5.10 -28.22
C THR A 189 -6.48 4.07 -28.30
N TRP A 190 -6.81 2.78 -28.27
CA TRP A 190 -5.82 1.71 -28.43
C TRP A 190 -6.38 0.62 -29.34
N PRO A 191 -5.57 0.16 -30.32
CA PRO A 191 -4.16 0.44 -30.58
C PRO A 191 -3.83 1.70 -31.38
N SER A 192 -4.83 2.51 -31.73
CA SER A 192 -4.61 3.71 -32.54
C SER A 192 -3.56 4.65 -31.93
N GLN A 193 -3.56 4.76 -30.60
CA GLN A 193 -2.50 5.48 -29.87
C GLN A 193 -1.74 4.48 -28.99
N SER A 194 -0.52 4.87 -28.62
CA SER A 194 0.36 3.98 -27.86
C SER A 194 -0.06 3.89 -26.39
N VAL A 195 0.05 2.68 -25.83
CA VAL A 195 -0.09 2.48 -24.39
C VAL A 195 1.13 1.70 -23.93
N THR A 196 1.81 2.21 -22.91
CA THR A 196 3.07 1.64 -22.43
C THR A 196 3.06 1.60 -20.92
N CYS A 197 3.43 0.47 -20.33
CA CYS A 197 3.61 0.43 -18.87
CA CYS A 197 3.60 0.42 -18.87
C CYS A 197 5.07 0.72 -18.56
N ASN A 198 5.29 1.47 -17.47
CA ASN A 198 6.60 1.90 -17.03
C ASN A 198 6.82 1.28 -15.65
N VAL A 199 7.86 0.46 -15.54
CA VAL A 199 8.09 -0.29 -14.30
C VAL A 199 9.49 0.03 -13.74
N ALA A 200 9.51 0.65 -12.57
CA ALA A 200 10.75 1.04 -11.91
C ALA A 200 11.04 0.11 -10.76
N HIS A 201 12.28 -0.38 -10.69
CA HIS A 201 12.72 -1.24 -9.59
C HIS A 201 14.00 -0.61 -9.05
N PRO A 202 13.88 0.23 -8.00
CA PRO A 202 15.06 0.95 -7.53
C PRO A 202 16.24 0.06 -7.13
N ALA A 203 15.98 -1.12 -6.61
CA ALA A 203 17.05 -2.02 -6.17
C ALA A 203 17.98 -2.44 -7.31
N SER A 204 17.45 -2.49 -8.53
CA SER A 204 18.26 -2.82 -9.71
C SER A 204 18.53 -1.60 -10.59
N SER A 205 18.11 -0.42 -10.13
CA SER A 205 18.25 0.83 -10.88
C SER A 205 17.63 0.75 -12.28
N THR A 206 16.57 -0.04 -12.42
CA THR A 206 15.93 -0.23 -13.73
C THR A 206 14.64 0.57 -13.84
N LYS A 207 14.40 1.09 -15.04
CA LYS A 207 13.13 1.72 -15.40
C LYS A 207 12.77 1.18 -16.77
N VAL A 208 11.87 0.21 -16.80
CA VAL A 208 11.59 -0.57 -18.00
C VAL A 208 10.27 -0.10 -18.59
N ASP A 209 10.24 0.06 -19.91
CA ASP A 209 9.03 0.44 -20.63
C ASP A 209 8.62 -0.72 -21.51
N LYS A 210 7.35 -1.11 -21.48
CA LYS A 210 6.82 -2.13 -22.37
C LYS A 210 5.56 -1.64 -23.06
N LYS A 211 5.65 -1.43 -24.37
CA LYS A 211 4.50 -1.07 -25.19
C LYS A 211 3.57 -2.27 -25.31
N ILE A 212 2.26 -2.03 -25.21
CA ILE A 212 1.27 -3.08 -25.40
C ILE A 212 0.91 -3.09 -26.88
N THR A 213 1.20 -4.19 -27.56
CA THR A 213 0.93 -4.35 -28.99
C THR A 213 -0.16 -5.40 -29.19
N PRO A 214 -1.11 -5.14 -30.11
CA PRO A 214 -2.11 -6.17 -30.39
C PRO A 214 -1.45 -7.50 -30.77
N ARG A 215 -2.03 -8.61 -30.31
CA ARG A 215 -1.54 -9.93 -30.66
C ARG A 215 -1.87 -10.25 -32.12
N ILE B 2 1.61 3.34 27.96
CA ILE B 2 0.16 3.47 27.86
C ILE B 2 -0.28 2.77 26.58
N VAL B 3 -1.18 1.80 26.71
CA VAL B 3 -1.67 1.02 25.60
C VAL B 3 -2.98 1.60 25.09
N LEU B 4 -3.07 1.76 23.77
CA LEU B 4 -4.26 2.31 23.13
C LEU B 4 -5.02 1.20 22.40
N THR B 5 -6.33 1.12 22.68
CA THR B 5 -7.19 0.09 22.09
C THR B 5 -8.30 0.77 21.29
N GLN B 6 -8.33 0.50 19.98
CA GLN B 6 -9.29 1.14 19.10
C GLN B 6 -10.44 0.18 18.81
N SER B 7 -11.60 0.76 18.55
CA SER B 7 -12.78 -0.01 18.17
C SER B 7 -13.60 0.84 17.20
N PRO B 8 -14.13 0.22 16.15
CA PRO B 8 -13.99 -1.17 15.72
C PRO B 8 -12.73 -1.34 14.88
N ALA B 9 -12.24 -2.57 14.73
CA ALA B 9 -11.07 -2.81 13.88
C ALA B 9 -11.38 -2.51 12.41
N ILE B 10 -12.62 -2.81 11.99
CA ILE B 10 -13.05 -2.58 10.63
C ILE B 10 -14.55 -2.26 10.65
N MET B 11 -14.99 -1.39 9.74
CA MET B 11 -16.39 -1.01 9.68
CA MET B 11 -16.39 -1.04 9.67
C MET B 11 -16.76 -0.55 8.28
N SER B 12 -17.99 -0.83 7.88
CA SER B 12 -18.57 -0.41 6.61
C SER B 12 -19.70 0.58 6.92
N ALA B 13 -19.56 1.80 6.41
CA ALA B 13 -20.46 2.91 6.76
C ALA B 13 -21.31 3.34 5.57
N SER B 14 -22.58 3.63 5.85
CA SER B 14 -23.50 4.15 4.85
C SER B 14 -23.08 5.55 4.41
N PRO B 15 -23.12 5.85 3.10
CA PRO B 15 -22.77 7.19 2.65
C PRO B 15 -23.71 8.22 3.24
N GLY B 16 -23.17 9.36 3.68
CA GLY B 16 -23.98 10.43 4.26
C GLY B 16 -24.35 10.26 5.72
N GLU B 17 -23.98 9.14 6.32
CA GLU B 17 -24.32 8.87 7.72
C GLU B 17 -23.16 9.19 8.64
N LYS B 18 -23.50 9.41 9.91
CA LYS B 18 -22.51 9.67 10.95
C LYS B 18 -21.69 8.42 11.19
N VAL B 19 -20.39 8.61 11.39
CA VAL B 19 -19.47 7.52 11.71
C VAL B 19 -18.76 7.88 12.99
N THR B 20 -18.62 6.93 13.91
CA THR B 20 -17.88 7.15 15.14
C THR B 20 -16.95 5.98 15.37
N MET B 21 -15.72 6.29 15.77
CA MET B 21 -14.76 5.27 16.16
C MET B 21 -14.11 5.74 17.45
N THR B 22 -13.64 4.81 18.25
CA THR B 22 -13.15 5.16 19.57
C THR B 22 -11.76 4.63 19.84
N CYS B 23 -11.11 5.26 20.82
CA CYS B 23 -9.77 4.88 21.25
C CYS B 23 -9.80 4.93 22.76
N SER B 24 -9.50 3.78 23.39
CA SER B 24 -9.47 3.66 24.84
CA SER B 24 -9.47 3.66 24.85
C SER B 24 -8.01 3.53 25.31
N ALA B 25 -7.63 4.35 26.29
CA ALA B 25 -6.26 4.34 26.80
C ALA B 25 -6.19 3.60 28.13
N SER B 26 -5.07 2.93 28.38
CA SER B 26 -4.91 2.16 29.63
C SER B 26 -4.74 3.05 30.87
N SER B 27 -4.29 4.29 30.63
CA SER B 27 -4.24 5.35 31.64
C SER B 27 -4.74 6.64 31.03
N SER B 28 -5.18 7.56 31.88
CA SER B 28 -5.68 8.85 31.40
CA SER B 28 -5.68 8.85 31.41
C SER B 28 -4.59 9.58 30.61
N VAL B 29 -5.00 10.32 29.59
CA VAL B 29 -4.08 11.20 28.88
C VAL B 29 -4.77 12.55 28.72
N SER B 30 -3.99 13.61 28.60
CA SER B 30 -4.56 14.96 28.47
C SER B 30 -5.20 15.20 27.11
N TYR B 31 -4.62 14.60 26.09
CA TYR B 31 -5.00 14.80 24.69
CA TYR B 31 -5.18 14.72 24.76
C TYR B 31 -4.81 13.53 23.89
N MET B 32 -5.52 13.42 22.77
CA MET B 32 -5.31 12.32 21.83
C MET B 32 -5.12 12.87 20.43
N HIS B 33 -4.19 12.28 19.68
CA HIS B 33 -3.98 12.63 18.26
CA HIS B 33 -4.00 12.64 18.27
C HIS B 33 -4.54 11.51 17.39
N TRP B 34 -5.04 11.88 16.21
CA TRP B 34 -5.55 10.93 15.24
C TRP B 34 -4.85 11.11 13.90
N TYR B 35 -4.63 9.99 13.22
CA TYR B 35 -3.93 9.92 11.93
C TYR B 35 -4.78 9.19 10.91
N GLN B 36 -4.72 9.65 9.66
CA GLN B 36 -5.37 8.98 8.54
C GLN B 36 -4.30 8.39 7.63
N GLN B 37 -4.48 7.14 7.22
CA GLN B 37 -3.59 6.54 6.23
C GLN B 37 -4.44 6.00 5.10
N LYS B 38 -4.32 6.61 3.94
CA LYS B 38 -5.00 6.14 2.73
C LYS B 38 -4.10 5.14 2.00
N SER B 39 -4.70 4.38 1.10
CA SER B 39 -3.97 3.30 0.42
C SER B 39 -2.68 3.80 -0.23
N GLY B 40 -1.58 3.16 0.12
CA GLY B 40 -0.27 3.45 -0.48
C GLY B 40 0.33 4.81 -0.11
N THR B 41 -0.15 5.42 0.97
CA THR B 41 0.35 6.73 1.40
C THR B 41 0.90 6.63 2.82
N SER B 42 1.66 7.63 3.23
CA SER B 42 2.14 7.74 4.61
CA SER B 42 2.13 7.74 4.61
C SER B 42 0.97 8.12 5.52
N PRO B 43 1.04 7.75 6.82
CA PRO B 43 0.05 8.33 7.74
C PRO B 43 0.17 9.87 7.71
N LYS B 44 -0.93 10.53 8.05
CA LYS B 44 -0.97 11.97 8.09
C LYS B 44 -1.75 12.38 9.33
N ARG B 45 -1.21 13.29 10.12
CA ARG B 45 -1.95 13.72 11.30
C ARG B 45 -3.23 14.41 10.83
N TRP B 46 -4.35 14.05 11.47
CA TRP B 46 -5.68 14.41 10.97
C TRP B 46 -6.41 15.29 11.98
N ILE B 47 -6.40 14.83 13.23
CA ILE B 47 -6.90 15.62 14.35
C ILE B 47 -5.78 15.63 15.37
N TYR B 48 -5.48 16.79 15.94
CA TYR B 48 -4.47 16.87 16.99
C TYR B 48 -5.07 17.52 18.22
N ASP B 49 -4.47 17.24 19.38
CA ASP B 49 -4.95 17.79 20.64
C ASP B 49 -6.45 17.56 20.80
N THR B 50 -6.86 16.31 20.55
CA THR B 50 -8.21 15.80 20.76
C THR B 50 -9.24 16.27 19.72
N SER B 51 -9.27 17.57 19.44
CA SER B 51 -10.37 18.18 18.70
C SER B 51 -9.95 19.16 17.60
N LYS B 52 -8.65 19.40 17.46
CA LYS B 52 -8.20 20.39 16.48
CA LYS B 52 -8.16 20.39 16.49
C LYS B 52 -7.93 19.73 15.14
N LEU B 53 -8.41 20.35 14.07
CA LEU B 53 -8.23 19.79 12.73
C LEU B 53 -6.87 20.19 12.17
N ALA B 54 -6.20 19.22 11.53
CA ALA B 54 -4.97 19.50 10.81
C ALA B 54 -5.29 20.32 9.55
N SER B 55 -4.25 20.94 8.99
CA SER B 55 -4.39 21.69 7.75
C SER B 55 -5.09 20.84 6.69
N GLY B 56 -6.06 21.44 6.00
CA GLY B 56 -6.74 20.77 4.88
C GLY B 56 -7.86 19.81 5.23
N VAL B 57 -8.04 19.52 6.52
CA VAL B 57 -9.05 18.54 6.94
C VAL B 57 -10.44 19.19 6.90
N PRO B 58 -11.41 18.53 6.25
CA PRO B 58 -12.74 19.12 6.14
C PRO B 58 -13.58 19.10 7.41
N ALA B 59 -14.59 19.97 7.41
CA ALA B 59 -15.40 20.27 8.58
C ALA B 59 -16.19 19.10 9.13
N ARG B 60 -16.45 18.10 8.30
CA ARG B 60 -17.22 16.94 8.74
C ARG B 60 -16.49 16.09 9.77
N PHE B 61 -15.18 16.27 9.89
CA PHE B 61 -14.39 15.55 10.92
C PHE B 61 -14.36 16.33 12.21
N SER B 62 -14.47 15.61 13.32
CA SER B 62 -14.29 16.19 14.64
C SER B 62 -13.72 15.14 15.56
N GLY B 63 -13.15 15.60 16.67
CA GLY B 63 -12.64 14.70 17.70
C GLY B 63 -13.13 15.16 19.06
N SER B 64 -13.32 14.21 19.96
CA SER B 64 -13.79 14.50 21.31
C SER B 64 -13.22 13.51 22.31
N GLY B 65 -13.48 13.75 23.58
CA GLY B 65 -13.08 12.84 24.63
C GLY B 65 -12.24 13.46 25.72
N SER B 66 -11.95 12.64 26.73
CA SER B 66 -11.12 13.05 27.85
C SER B 66 -10.78 11.82 28.65
N GLY B 67 -9.79 11.94 29.52
CA GLY B 67 -9.39 10.86 30.39
C GLY B 67 -8.86 9.70 29.57
N THR B 68 -9.57 8.57 29.65
CA THR B 68 -9.16 7.35 28.95
C THR B 68 -9.98 7.03 27.70
N SER B 69 -10.95 7.88 27.34
CA SER B 69 -11.88 7.56 26.25
CA SER B 69 -11.86 7.56 26.23
C SER B 69 -11.96 8.70 25.24
N TYR B 70 -11.59 8.41 23.99
CA TYR B 70 -11.59 9.40 22.92
C TYR B 70 -12.33 8.87 21.70
N SER B 71 -12.86 9.80 20.91
CA SER B 71 -13.56 9.43 19.69
CA SER B 71 -13.62 9.46 19.70
C SER B 71 -13.23 10.35 18.53
N LEU B 72 -13.26 9.77 17.34
CA LEU B 72 -13.17 10.50 16.10
CA LEU B 72 -13.18 10.53 16.10
C LEU B 72 -14.50 10.31 15.39
N THR B 73 -15.10 11.39 14.92
CA THR B 73 -16.42 11.33 14.32
C THR B 73 -16.41 11.98 12.93
N ILE B 74 -17.16 11.39 12.01
CA ILE B 74 -17.42 11.99 10.69
C ILE B 74 -18.92 12.25 10.61
N SER B 75 -19.33 13.50 10.42
CA SER B 75 -20.76 13.83 10.48
C SER B 75 -21.53 13.24 9.31
N SER B 76 -20.85 13.09 8.19
CA SER B 76 -21.46 12.57 6.97
C SER B 76 -20.38 11.88 6.13
N MET B 77 -20.43 10.55 6.11
CA MET B 77 -19.40 9.74 5.46
C MET B 77 -19.35 10.00 3.95
N GLU B 78 -18.14 10.29 3.45
CA GLU B 78 -17.92 10.44 2.02
C GLU B 78 -16.94 9.39 1.51
N ALA B 79 -16.97 9.12 0.21
CA ALA B 79 -16.11 8.09 -0.39
C ALA B 79 -14.64 8.28 -0.09
N GLU B 80 -14.19 9.54 -0.09
CA GLU B 80 -12.79 9.91 0.15
CA GLU B 80 -12.79 9.86 0.12
C GLU B 80 -12.33 9.63 1.57
N ASP B 81 -13.28 9.35 2.47
CA ASP B 81 -12.97 9.09 3.87
C ASP B 81 -12.58 7.64 4.15
N ALA B 82 -12.78 6.78 3.15
CA ALA B 82 -12.35 5.39 3.24
C ALA B 82 -10.83 5.36 3.41
N ALA B 83 -10.40 4.82 4.55
CA ALA B 83 -8.99 4.89 4.96
C ALA B 83 -8.86 4.16 6.29
N THR B 84 -7.64 4.05 6.79
CA THR B 84 -7.40 3.53 8.13
C THR B 84 -7.03 4.70 9.06
N TYR B 85 -7.61 4.71 10.25
CA TYR B 85 -7.42 5.79 11.22
C TYR B 85 -6.76 5.25 12.47
N PHE B 86 -5.68 5.90 12.92
CA PHE B 86 -4.91 5.48 14.11
C PHE B 86 -4.94 6.56 15.17
N CYS B 87 -5.11 6.18 16.44
CA CYS B 87 -4.95 7.14 17.54
C CYS B 87 -3.51 7.05 18.06
N HIS B 88 -3.06 8.10 18.73
CA HIS B 88 -1.66 8.24 19.11
C HIS B 88 -1.58 9.15 20.32
N GLN B 89 -0.85 8.71 21.36
CA GLN B 89 -0.74 9.49 22.59
C GLN B 89 0.69 9.85 22.88
N TRP B 90 0.88 11.01 23.51
CA TRP B 90 2.18 11.58 23.83
C TRP B 90 2.41 11.76 25.34
N ARG B 91 1.61 11.13 26.18
CA ARG B 91 1.81 11.23 27.63
C ARG B 91 3.00 10.41 28.16
N SER B 92 2.99 9.11 27.86
CA SER B 92 4.03 8.21 28.36
C SER B 92 5.27 8.27 27.51
N ASN B 93 6.42 7.96 28.10
CA ASN B 93 7.56 7.51 27.33
C ASN B 93 7.56 5.99 27.39
N PRO B 94 7.40 5.33 26.23
CA PRO B 94 7.33 5.84 24.87
C PRO B 94 5.93 6.24 24.42
N TYR B 95 5.86 7.04 23.37
CA TYR B 95 4.59 7.28 22.70
C TYR B 95 4.10 5.98 22.07
N THR B 96 2.79 5.85 21.94
CA THR B 96 2.20 4.64 21.38
C THR B 96 1.06 4.98 20.43
N PHE B 97 0.72 3.99 19.60
CA PHE B 97 -0.37 4.08 18.63
C PHE B 97 -1.39 2.99 18.91
N GLY B 98 -2.64 3.25 18.55
CA GLY B 98 -3.68 2.21 18.55
C GLY B 98 -3.51 1.36 17.30
N GLY B 99 -4.24 0.24 17.23
CA GLY B 99 -4.09 -0.71 16.13
C GLY B 99 -4.79 -0.33 14.84
N GLY B 100 -5.57 0.75 14.88
CA GLY B 100 -6.24 1.26 13.70
C GLY B 100 -7.67 0.79 13.57
N THR B 101 -8.47 1.66 12.94
CA THR B 101 -9.83 1.34 12.49
C THR B 101 -9.84 1.51 10.97
N LYS B 102 -10.14 0.43 10.26
CA LYS B 102 -10.24 0.46 8.80
C LYS B 102 -11.68 0.77 8.42
N LEU B 103 -11.88 1.90 7.77
CA LEU B 103 -13.20 2.39 7.41
C LEU B 103 -13.43 2.23 5.92
N GLU B 104 -14.54 1.58 5.59
CA GLU B 104 -14.98 1.43 4.21
C GLU B 104 -16.37 2.04 4.09
N ILE B 105 -16.75 2.40 2.87
CA ILE B 105 -18.05 3.00 2.61
C ILE B 105 -18.92 2.05 1.78
N LYS B 106 -20.24 2.15 1.96
CA LYS B 106 -21.19 1.38 1.17
C LYS B 106 -21.49 2.08 -0.13
N ARG B 107 -21.89 1.29 -1.13
CA ARG B 107 -22.34 1.81 -2.41
C ARG B 107 -23.21 0.74 -3.08
N ALA B 108 -23.79 1.07 -4.24
CA ALA B 108 -24.61 0.12 -4.97
C ALA B 108 -23.76 -1.06 -5.45
N ASP B 109 -24.36 -2.24 -5.48
CA ASP B 109 -23.66 -3.42 -5.99
C ASP B 109 -23.23 -3.17 -7.44
N ALA B 110 -22.03 -3.63 -7.78
CA ALA B 110 -21.50 -3.50 -9.13
C ALA B 110 -20.83 -4.80 -9.55
N ALA B 111 -21.12 -5.26 -10.75
CA ALA B 111 -20.55 -6.51 -11.25
C ALA B 111 -19.11 -6.29 -11.67
N PRO B 112 -18.25 -7.31 -11.49
CA PRO B 112 -16.86 -7.14 -11.94
C PRO B 112 -16.77 -7.11 -13.46
N THR B 113 -15.83 -6.32 -13.97
CA THR B 113 -15.44 -6.39 -15.38
C THR B 113 -14.28 -7.35 -15.45
N VAL B 114 -14.48 -8.46 -16.16
CA VAL B 114 -13.52 -9.56 -16.17
C VAL B 114 -12.78 -9.57 -17.50
N SER B 115 -11.45 -9.67 -17.43
CA SER B 115 -10.61 -9.72 -18.62
C SER B 115 -9.59 -10.83 -18.44
N ILE B 116 -9.44 -11.71 -19.44
CA ILE B 116 -8.42 -12.76 -19.41
C ILE B 116 -7.33 -12.49 -20.45
N PHE B 117 -6.10 -12.84 -20.10
CA PHE B 117 -4.94 -12.60 -20.95
C PHE B 117 -4.06 -13.83 -21.08
N PRO B 118 -3.80 -14.27 -22.33
CA PRO B 118 -2.85 -15.35 -22.54
C PRO B 118 -1.43 -14.96 -22.15
N PRO B 119 -0.55 -15.96 -21.98
CA PRO B 119 0.84 -15.64 -21.76
C PRO B 119 1.39 -14.83 -22.93
N SER B 120 2.26 -13.87 -22.62
CA SER B 120 2.96 -13.14 -23.67
C SER B 120 3.99 -14.06 -24.32
N SER B 121 4.28 -13.82 -25.60
CA SER B 121 5.28 -14.59 -26.31
C SER B 121 6.64 -14.49 -25.61
N GLU B 122 6.89 -13.34 -24.99
CA GLU B 122 8.14 -13.10 -24.27
C GLU B 122 8.32 -14.09 -23.11
N GLN B 123 7.26 -14.28 -22.32
CA GLN B 123 7.32 -15.19 -21.16
C GLN B 123 7.52 -16.64 -21.58
N LEU B 124 6.76 -17.06 -22.59
CA LEU B 124 6.80 -18.46 -23.05
C LEU B 124 8.20 -18.96 -23.38
N THR B 125 9.04 -18.07 -23.92
CA THR B 125 10.42 -18.43 -24.26
C THR B 125 11.26 -18.74 -23.01
N SER B 126 10.87 -18.19 -21.86
CA SER B 126 11.57 -18.45 -20.60
C SER B 126 11.20 -19.79 -19.94
N GLY B 127 10.19 -20.48 -20.48
CA GLY B 127 9.76 -21.77 -19.94
C GLY B 127 8.62 -21.66 -18.92
N GLY B 128 8.09 -20.45 -18.76
CA GLY B 128 6.92 -20.21 -17.90
C GLY B 128 5.74 -19.70 -18.71
N ALA B 129 4.54 -19.87 -18.16
CA ALA B 129 3.32 -19.42 -18.83
C ALA B 129 2.32 -18.96 -17.79
N SER B 130 2.16 -17.64 -17.69
CA SER B 130 1.22 -17.04 -16.77
C SER B 130 0.00 -16.62 -17.55
N VAL B 131 -1.16 -17.06 -17.10
CA VAL B 131 -2.43 -16.58 -17.63
C VAL B 131 -2.99 -15.66 -16.56
N VAL B 132 -3.36 -14.45 -16.96
CA VAL B 132 -3.77 -13.44 -16.01
C VAL B 132 -5.24 -13.11 -16.20
N CYS B 133 -5.96 -13.02 -15.10
CA CYS B 133 -7.37 -12.63 -15.10
C CYS B 133 -7.54 -11.42 -14.17
N PHE B 134 -8.05 -10.32 -14.70
CA PHE B 134 -8.42 -9.16 -13.88
C PHE B 134 -9.94 -9.16 -13.64
N LEU B 135 -10.34 -8.89 -12.41
CA LEU B 135 -11.73 -8.73 -12.04
C LEU B 135 -11.83 -7.35 -11.43
N ASN B 136 -12.30 -6.38 -12.22
CA ASN B 136 -12.18 -4.97 -11.84
C ASN B 136 -13.48 -4.26 -11.50
N ASN B 137 -13.39 -3.38 -10.50
CA ASN B 137 -14.44 -2.43 -10.15
C ASN B 137 -15.76 -3.08 -9.77
N PHE B 138 -15.69 -3.98 -8.79
CA PHE B 138 -16.87 -4.65 -8.26
C PHE B 138 -17.17 -4.20 -6.83
N TYR B 139 -18.42 -4.42 -6.44
CA TYR B 139 -18.88 -4.22 -5.07
C TYR B 139 -20.07 -5.14 -4.84
N PRO B 140 -20.13 -5.82 -3.68
CA PRO B 140 -19.24 -5.79 -2.51
C PRO B 140 -17.93 -6.55 -2.72
N LYS B 141 -17.04 -6.51 -1.72
CA LYS B 141 -15.68 -7.00 -1.91
C LYS B 141 -15.55 -8.52 -1.98
N ASP B 142 -16.58 -9.22 -1.51
CA ASP B 142 -16.56 -10.68 -1.48
CA ASP B 142 -16.57 -10.68 -1.48
C ASP B 142 -16.71 -11.22 -2.90
N ILE B 143 -15.69 -11.97 -3.35
CA ILE B 143 -15.68 -12.53 -4.70
C ILE B 143 -14.84 -13.82 -4.71
N ASN B 144 -15.14 -14.71 -5.64
CA ASN B 144 -14.40 -15.96 -5.79
C ASN B 144 -14.05 -16.19 -7.25
N VAL B 145 -12.82 -16.64 -7.49
CA VAL B 145 -12.36 -16.90 -8.84
C VAL B 145 -11.94 -18.36 -8.97
N LYS B 146 -12.45 -19.01 -10.02
CA LYS B 146 -12.12 -20.38 -10.32
C LYS B 146 -11.44 -20.45 -11.69
N TRP B 147 -10.33 -21.19 -11.75
CA TRP B 147 -9.64 -21.45 -13.02
C TRP B 147 -10.06 -22.80 -13.56
N LYS B 148 -10.14 -22.88 -14.89
CA LYS B 148 -10.36 -24.15 -15.57
C LYS B 148 -9.43 -24.26 -16.78
N ILE B 149 -8.81 -25.43 -16.92
CA ILE B 149 -8.02 -25.74 -18.11
C ILE B 149 -8.67 -26.95 -18.78
N ASP B 150 -9.19 -26.75 -19.99
CA ASP B 150 -9.97 -27.75 -20.72
C ASP B 150 -11.16 -28.28 -19.89
N GLY B 151 -11.83 -27.36 -19.21
CA GLY B 151 -13.03 -27.67 -18.44
C GLY B 151 -12.82 -28.22 -17.04
N SER B 152 -11.57 -28.51 -16.69
CA SER B 152 -11.23 -29.07 -15.37
C SER B 152 -10.67 -27.98 -14.47
N GLU B 153 -11.14 -27.94 -13.22
CA GLU B 153 -10.69 -26.95 -12.25
C GLU B 153 -9.21 -27.12 -11.90
N ARG B 154 -8.50 -26.00 -11.85
CA ARG B 154 -7.12 -25.96 -11.38
C ARG B 154 -7.05 -25.06 -10.15
N GLN B 155 -6.64 -25.64 -9.01
CA GLN B 155 -6.58 -24.88 -7.76
C GLN B 155 -5.15 -24.44 -7.42
N ASN B 156 -4.17 -25.31 -7.66
CA ASN B 156 -2.78 -24.99 -7.36
C ASN B 156 -2.12 -24.14 -8.44
N GLY B 157 -1.11 -23.36 -8.05
CA GLY B 157 -0.38 -22.49 -8.98
C GLY B 157 -1.02 -21.15 -9.25
N VAL B 158 -1.89 -20.70 -8.33
CA VAL B 158 -2.60 -19.43 -8.51
C VAL B 158 -2.11 -18.37 -7.53
N LEU B 159 -1.88 -17.17 -8.05
CA LEU B 159 -1.54 -16.01 -7.23
CA LEU B 159 -1.53 -16.01 -7.23
C LEU B 159 -2.66 -14.99 -7.32
N ASN B 160 -3.31 -14.70 -6.20
CA ASN B 160 -4.36 -13.70 -6.13
C ASN B 160 -3.89 -12.47 -5.40
N SER B 161 -4.35 -11.31 -5.86
CA SER B 161 -4.08 -10.04 -5.18
C SER B 161 -5.31 -9.16 -5.25
N TRP B 162 -5.55 -8.38 -4.20
CA TRP B 162 -6.75 -7.56 -4.07
C TRP B 162 -6.37 -6.12 -3.70
N THR B 163 -7.05 -5.16 -4.33
CA THR B 163 -6.88 -3.76 -3.95
C THR B 163 -7.77 -3.41 -2.74
N ASP B 164 -7.43 -2.32 -2.07
CA ASP B 164 -8.30 -1.72 -1.06
C ASP B 164 -9.44 -1.01 -1.75
N GLN B 165 -10.41 -0.51 -0.99
CA GLN B 165 -11.54 0.20 -1.59
C GLN B 165 -11.09 1.47 -2.30
N ASP B 166 -11.55 1.67 -3.52
CA ASP B 166 -11.15 2.85 -4.29
C ASP B 166 -11.72 4.13 -3.66
N SER B 167 -10.90 5.19 -3.62
CA SER B 167 -11.31 6.44 -2.99
C SER B 167 -12.36 7.21 -3.77
N LYS B 168 -12.45 6.95 -5.07
CA LYS B 168 -13.32 7.74 -5.94
C LYS B 168 -14.64 7.04 -6.22
N ASP B 169 -14.58 5.78 -6.64
CA ASP B 169 -15.81 5.04 -6.98
C ASP B 169 -16.20 3.96 -5.97
N SER B 170 -15.41 3.80 -4.90
CA SER B 170 -15.75 2.91 -3.78
C SER B 170 -15.89 1.41 -4.15
N THR B 171 -15.23 1.00 -5.23
CA THR B 171 -15.22 -0.39 -5.67
C THR B 171 -13.94 -1.09 -5.26
N TYR B 172 -13.91 -2.40 -5.55
CA TYR B 172 -12.76 -3.26 -5.33
C TYR B 172 -12.33 -3.89 -6.63
N SER B 173 -11.07 -4.31 -6.70
CA SER B 173 -10.58 -5.05 -7.84
C SER B 173 -9.69 -6.21 -7.39
N MET B 174 -9.51 -7.18 -8.28
CA MET B 174 -8.75 -8.39 -7.98
C MET B 174 -7.97 -8.82 -9.22
N SER B 175 -6.81 -9.41 -8.99
CA SER B 175 -6.03 -10.01 -10.05
C SER B 175 -5.78 -11.46 -9.66
N SER B 176 -5.93 -12.36 -10.62
CA SER B 176 -5.63 -13.76 -10.40
C SER B 176 -4.71 -14.22 -11.50
N THR B 177 -3.61 -14.87 -11.13
CA THR B 177 -2.60 -15.31 -12.10
C THR B 177 -2.35 -16.80 -11.91
N LEU B 178 -2.62 -17.56 -12.97
CA LEU B 178 -2.32 -18.99 -13.00
C LEU B 178 -1.02 -19.18 -13.76
N THR B 179 0.01 -19.70 -13.10
CA THR B 179 1.30 -19.88 -13.75
C THR B 179 1.62 -21.36 -13.94
N LEU B 180 1.77 -21.75 -15.20
CA LEU B 180 2.11 -23.12 -15.57
C LEU B 180 3.49 -23.11 -16.20
N THR B 181 4.06 -24.29 -16.40
CA THR B 181 5.25 -24.41 -17.23
C THR B 181 4.78 -24.21 -18.66
N LYS B 182 5.69 -23.78 -19.54
CA LYS B 182 5.36 -23.56 -20.95
C LYS B 182 4.91 -24.87 -21.58
N ASP B 183 5.59 -25.96 -21.25
CA ASP B 183 5.26 -27.25 -21.80
C ASP B 183 3.85 -27.68 -21.42
N GLU B 184 3.47 -27.46 -20.16
CA GLU B 184 2.11 -27.83 -19.74
C GLU B 184 1.08 -26.91 -20.37
N TYR B 185 1.42 -25.62 -20.51
CA TYR B 185 0.56 -24.67 -21.21
C TYR B 185 0.23 -25.15 -22.63
N GLU B 186 1.23 -25.65 -23.33
CA GLU B 186 1.04 -26.08 -24.72
C GLU B 186 0.37 -27.45 -24.85
N ARG B 187 0.18 -28.16 -23.74
CA ARG B 187 -0.53 -29.46 -23.77
C ARG B 187 -2.05 -29.29 -23.76
N HIS B 188 -2.53 -28.14 -23.27
CA HIS B 188 -3.97 -27.86 -23.21
C HIS B 188 -4.35 -26.73 -24.16
N ASN B 189 -5.63 -26.63 -24.49
CA ASN B 189 -6.12 -25.65 -25.46
C ASN B 189 -6.95 -24.54 -24.80
N SER B 190 -7.87 -24.94 -23.93
CA SER B 190 -8.87 -24.02 -23.37
C SER B 190 -8.48 -23.52 -21.98
N TYR B 191 -8.47 -22.21 -21.80
CA TYR B 191 -8.16 -21.57 -20.51
C TYR B 191 -9.29 -20.63 -20.12
N THR B 192 -9.79 -20.77 -18.89
CA THR B 192 -10.96 -20.04 -18.45
C THR B 192 -10.84 -19.55 -16.99
N CYS B 193 -11.25 -18.30 -16.78
CA CYS B 193 -11.37 -17.70 -15.45
CA CYS B 193 -11.40 -17.77 -15.41
C CYS B 193 -12.86 -17.44 -15.18
N GLU B 194 -13.39 -17.96 -14.06
CA GLU B 194 -14.81 -17.79 -13.72
C GLU B 194 -14.96 -16.99 -12.42
N ALA B 195 -15.72 -15.90 -12.47
CA ALA B 195 -15.96 -15.04 -11.30
C ALA B 195 -17.33 -15.30 -10.67
N THR B 196 -17.34 -15.70 -9.40
CA THR B 196 -18.58 -15.85 -8.64
C THR B 196 -18.77 -14.61 -7.74
N HIS B 197 -19.89 -13.91 -7.94
CA HIS B 197 -20.18 -12.66 -7.24
C HIS B 197 -21.69 -12.52 -7.08
N LYS B 198 -22.11 -11.83 -6.03
CA LYS B 198 -23.54 -11.74 -5.70
C LYS B 198 -24.40 -11.01 -6.75
N THR B 199 -23.75 -10.24 -7.62
CA THR B 199 -24.45 -9.48 -8.65
C THR B 199 -25.03 -10.34 -9.78
N SER B 200 -24.58 -11.58 -9.91
CA SER B 200 -25.12 -12.50 -10.91
C SER B 200 -25.35 -13.91 -10.35
N THR B 201 -26.43 -14.53 -10.78
CA THR B 201 -26.77 -15.88 -10.36
C THR B 201 -25.84 -16.91 -11.01
N SER B 202 -25.29 -16.56 -12.17
CA SER B 202 -24.34 -17.40 -12.88
C SER B 202 -22.99 -16.70 -12.88
N PRO B 203 -21.90 -17.47 -12.83
CA PRO B 203 -20.59 -16.84 -12.81
C PRO B 203 -20.24 -16.16 -14.13
N ILE B 204 -19.44 -15.10 -14.05
CA ILE B 204 -18.94 -14.40 -15.24
CA ILE B 204 -18.94 -14.40 -15.23
C ILE B 204 -17.75 -15.18 -15.78
N VAL B 205 -17.87 -15.65 -17.02
CA VAL B 205 -16.87 -16.50 -17.63
C VAL B 205 -16.13 -15.76 -18.74
N LYS B 206 -14.80 -15.71 -18.62
CA LYS B 206 -13.95 -15.27 -19.72
C LYS B 206 -12.99 -16.40 -20.05
N SER B 207 -12.80 -16.65 -21.34
CA SER B 207 -11.98 -17.78 -21.79
C SER B 207 -11.24 -17.45 -23.07
N PHE B 208 -10.23 -18.26 -23.38
CA PHE B 208 -9.60 -18.23 -24.70
C PHE B 208 -9.07 -19.61 -25.08
N ASN B 209 -8.91 -19.82 -26.38
CA ASN B 209 -8.30 -21.03 -26.91
C ASN B 209 -6.88 -20.72 -27.35
N ARG B 210 -5.93 -21.50 -26.83
CA ARG B 210 -4.52 -21.36 -27.19
C ARG B 210 -4.37 -21.60 -28.69
N ASN B 211 -4.28 -20.52 -29.45
CA ASN B 211 -4.31 -20.57 -30.91
C ASN B 211 -3.67 -19.35 -31.56
#